data_5RON
#
_entry.id   5RON
#
_cell.length_a   67.680
_cell.length_b   67.680
_cell.length_c   101.780
_cell.angle_alpha   90.000
_cell.angle_beta   90.000
_cell.angle_gamma   90.000
#
_symmetry.space_group_name_H-M   'P 43 21 2'
#
loop_
_entity.id
_entity.type
_entity.pdbx_description
1 polymer 'Proteinase K'
2 non-polymer 'SULFATE ION'
3 non-polymer 2-(1H-imidazol-1-yl)-N-(trans-4-methylcyclohexyl)acetamide
4 water water
#
_entity_poly.entity_id   1
_entity_poly.type   'polypeptide(L)'
_entity_poly.pdbx_seq_one_letter_code
;AAQTNAPWGLARISSTSPGTSTYYYDESAGQGSCVYVIDTGIEASHPEFEGRAQMVKTYYYSSRDGNGHGTHCAGTVGSR
TYGVAKKTQLFGVKVLDDNGSGQYSTIIAGMDFVASDKNNRNCPKGVVASLSLGGGYSSSVNSAAARLQSSGVMVAVAAG
NNNADARNYSPASEPSVCTVGASDRYDRRSSFSNYGSVLDIFGPGTDILSTWIGGSTRSISGTSMATPHVAGLAAYLMTL
GKTTAASACRYIADTANKGDLSNIPFGTVNLLAYNNYQA
;
_entity_poly.pdbx_strand_id   A
#
loop_
_chem_comp.id
_chem_comp.type
_chem_comp.name
_chem_comp.formula
483 non-polymer 2-(1H-imidazol-1-yl)-N-(trans-4-methylcyclohexyl)acetamide 'C12 H19 N3 O'
SO4 non-polymer 'SULFATE ION' 'O4 S -2'
#
# COMPACT_ATOMS: atom_id res chain seq x y z
N ALA A 1 7.93 -20.25 -1.05
CA ALA A 1 8.21 -20.07 0.37
C ALA A 1 6.91 -20.02 1.15
N ALA A 2 6.97 -20.35 2.43
CA ALA A 2 5.81 -20.37 3.31
C ALA A 2 6.19 -19.72 4.63
N GLN A 3 5.36 -18.80 5.10
CA GLN A 3 5.51 -18.19 6.41
C GLN A 3 4.33 -18.64 7.26
N THR A 4 4.58 -19.48 8.27
CA THR A 4 3.48 -19.96 9.08
C THR A 4 3.05 -18.90 10.10
N ASN A 5 1.80 -19.03 10.55
CA ASN A 5 1.22 -18.12 11.54
C ASN A 5 1.45 -16.66 11.16
N ALA A 6 1.22 -16.35 9.90
CA ALA A 6 1.39 -15.01 9.38
C ALA A 6 0.18 -14.17 9.78
N PRO A 7 0.30 -12.84 9.72
CA PRO A 7 -0.90 -12.00 9.87
C PRO A 7 -1.94 -12.43 8.84
N TRP A 8 -3.22 -12.36 9.23
CA TRP A 8 -4.27 -12.90 8.37
C TRP A 8 -4.26 -12.27 6.99
N GLY A 9 -3.89 -10.99 6.88
CA GLY A 9 -3.92 -10.31 5.59
C GLY A 9 -2.91 -10.87 4.60
N LEU A 10 -1.71 -11.22 5.09
CA LEU A 10 -0.73 -11.85 4.21
C LEU A 10 -1.24 -13.21 3.76
N ALA A 11 -1.77 -14.00 4.68
CA ALA A 11 -2.35 -15.28 4.30
C ALA A 11 -3.46 -15.08 3.28
N ARG A 12 -4.28 -14.06 3.47
CA ARG A 12 -5.41 -13.85 2.57
C ARG A 12 -4.96 -13.54 1.15
N ILE A 13 -3.93 -12.70 1.00
CA ILE A 13 -3.50 -12.34 -0.34
C ILE A 13 -2.79 -13.46 -1.07
N SER A 14 -2.45 -14.56 -0.40
CA SER A 14 -1.92 -15.72 -1.10
C SER A 14 -2.89 -16.90 -1.09
N SER A 15 -4.16 -16.65 -0.83
CA SER A 15 -5.16 -17.71 -0.74
C SER A 15 -6.35 -17.46 -1.65
N THR A 16 -6.93 -18.55 -2.14
CA THR A 16 -8.24 -18.49 -2.79
C THR A 16 -9.41 -18.56 -1.81
N SER A 17 -9.16 -18.73 -0.52
CA SER A 17 -10.22 -18.83 0.48
C SER A 17 -9.80 -18.10 1.74
N PRO A 18 -10.75 -17.52 2.47
CA PRO A 18 -10.45 -16.98 3.79
C PRO A 18 -10.23 -18.12 4.77
N GLY A 19 -9.73 -17.78 5.95
CA GLY A 19 -9.65 -18.74 7.03
C GLY A 19 -8.38 -19.53 7.12
N THR A 20 -7.30 -19.09 6.47
CA THR A 20 -6.00 -19.75 6.58
C THR A 20 -5.00 -18.76 7.16
N SER A 21 -3.85 -19.29 7.59
CA SER A 21 -2.91 -18.49 8.36
C SER A 21 -1.47 -18.56 7.87
N THR A 22 -1.22 -19.22 6.75
CA THR A 22 0.12 -19.28 6.17
C THR A 22 0.20 -18.38 4.94
N TYR A 23 1.28 -17.61 4.84
CA TYR A 23 1.53 -16.77 3.67
C TYR A 23 2.48 -17.50 2.73
N TYR A 24 2.07 -17.69 1.49
CA TYR A 24 2.86 -18.38 0.47
C TYR A 24 3.30 -17.38 -0.59
N TYR A 25 4.58 -17.41 -0.93
CA TYR A 25 5.11 -16.41 -1.86
C TYR A 25 6.42 -16.91 -2.44
N ASP A 26 6.73 -16.42 -3.64
CA ASP A 26 8.01 -16.75 -4.25
C ASP A 26 9.14 -16.08 -3.46
N GLU A 27 10.22 -16.83 -3.25
CA GLU A 27 11.29 -16.36 -2.37
C GLU A 27 12.00 -15.11 -2.90
N SER A 28 11.82 -14.75 -4.17
CA SER A 28 12.41 -13.50 -4.67
C SER A 28 11.92 -12.32 -3.85
N ALA A 29 10.66 -12.34 -3.40
CA ALA A 29 10.18 -11.46 -2.34
C ALA A 29 10.36 -9.97 -2.64
N GLY A 30 10.22 -9.57 -3.91
CA GLY A 30 10.37 -8.16 -4.22
C GLY A 30 11.79 -7.64 -4.26
N GLN A 31 12.79 -8.51 -4.21
CA GLN A 31 14.17 -8.08 -4.35
C GLN A 31 14.36 -7.27 -5.64
N GLY A 32 15.09 -6.17 -5.55
CA GLY A 32 15.37 -5.37 -6.73
C GLY A 32 14.31 -4.34 -7.06
N SER A 33 13.19 -4.34 -6.32
CA SER A 33 12.16 -3.32 -6.45
C SER A 33 12.32 -2.30 -5.34
N CYS A 34 11.59 -1.19 -5.46
CA CYS A 34 11.59 -0.17 -4.43
C CYS A 34 10.17 0.30 -4.19
N VAL A 35 9.84 0.57 -2.93
CA VAL A 35 8.54 1.11 -2.58
C VAL A 35 8.72 2.35 -1.74
N TYR A 36 8.15 3.46 -2.20
CA TYR A 36 8.12 4.69 -1.43
C TYR A 36 6.85 4.70 -0.60
N VAL A 37 7.00 4.99 0.68
CA VAL A 37 5.87 5.10 1.60
C VAL A 37 5.76 6.58 1.94
N ILE A 38 4.71 7.23 1.43
CA ILE A 38 4.52 8.67 1.53
C ILE A 38 3.53 8.87 2.67
N ASP A 39 4.01 9.32 3.82
CA ASP A 39 3.23 9.17 5.04
C ASP A 39 3.86 9.97 6.18
N THR A 40 3.79 9.47 7.42
CA THR A 40 4.37 10.14 8.58
C THR A 40 5.85 9.83 8.78
N GLY A 41 6.47 9.10 7.87
CA GLY A 41 7.84 8.63 8.02
C GLY A 41 7.88 7.13 8.24
N ILE A 42 9.10 6.62 8.44
CA ILE A 42 9.35 5.22 8.73
C ILE A 42 10.44 5.16 9.79
N GLU A 43 10.21 4.37 10.84
CA GLU A 43 11.27 4.10 11.82
C GLU A 43 12.19 3.05 11.21
N ALA A 44 13.17 3.52 10.43
CA ALA A 44 14.02 2.62 9.67
C ALA A 44 14.87 1.73 10.55
N SER A 45 15.15 2.13 11.78
CA SER A 45 15.95 1.34 12.70
C SER A 45 15.20 0.14 13.27
N HIS A 46 13.91 0.01 13.01
CA HIS A 46 13.15 -1.13 13.51
C HIS A 46 13.81 -2.42 13.01
N PRO A 47 14.10 -3.39 13.91
CA PRO A 47 14.70 -4.66 13.46
C PRO A 47 13.97 -5.31 12.31
N GLU A 48 12.65 -5.10 12.24
CA GLU A 48 11.86 -5.72 11.19
C GLU A 48 12.23 -5.28 9.78
N PHE A 49 12.90 -4.14 9.63
CA PHE A 49 13.25 -3.65 8.30
C PHE A 49 14.62 -4.12 7.82
N GLU A 50 15.48 -4.61 8.73
CA GLU A 50 16.71 -5.31 8.37
C GLU A 50 17.67 -4.46 7.54
N GLY A 51 17.65 -3.14 7.72
CA GLY A 51 18.51 -2.27 6.93
C GLY A 51 17.97 -1.90 5.57
N ARG A 52 16.79 -2.41 5.18
CA ARG A 52 16.21 -2.16 3.87
C ARG A 52 15.34 -0.92 3.81
N ALA A 53 15.15 -0.21 4.92
CA ALA A 53 14.37 1.02 4.93
C ALA A 53 15.28 2.22 5.14
N GLN A 54 14.88 3.34 4.57
CA GLN A 54 15.60 4.58 4.80
C GLN A 54 14.66 5.75 4.53
N MET A 55 14.82 6.79 5.33
CA MET A 55 14.13 8.04 5.07
C MET A 55 14.91 8.81 4.02
N VAL A 56 14.20 9.31 3.01
CA VAL A 56 14.82 10.09 1.95
C VAL A 56 14.34 11.53 1.88
N LYS A 57 13.21 11.87 2.52
CA LYS A 57 12.72 13.23 2.44
C LYS A 57 11.77 13.49 3.58
N THR A 58 11.83 14.70 4.13
CA THR A 58 10.84 15.18 5.07
C THR A 58 10.54 16.63 4.75
N TYR A 59 9.34 17.07 5.15
CA TYR A 59 8.93 18.46 5.02
C TYR A 59 8.79 19.13 6.37
N TYR A 60 9.25 18.48 7.44
CA TYR A 60 9.10 18.92 8.81
C TYR A 60 10.48 18.98 9.46
N TYR A 61 10.51 19.43 10.72
CA TYR A 61 11.79 19.63 11.38
C TYR A 61 12.58 18.35 11.54
N SER A 62 11.94 17.18 11.48
CA SER A 62 12.63 15.91 11.58
C SER A 62 12.06 14.93 10.56
N SER A 63 12.87 13.94 10.22
CA SER A 63 12.41 12.82 9.40
C SER A 63 11.88 11.67 10.23
N ARG A 64 11.94 11.77 11.56
CA ARG A 64 11.48 10.69 12.42
C ARG A 64 9.96 10.53 12.32
N ASP A 65 9.50 9.28 12.35
CA ASP A 65 8.09 8.98 12.48
C ASP A 65 7.74 9.09 13.96
N GLY A 66 7.12 10.21 14.35
CA GLY A 66 6.64 10.37 15.70
C GLY A 66 5.22 9.94 15.90
N ASN A 67 4.60 9.34 14.87
CA ASN A 67 3.20 8.93 14.92
C ASN A 67 3.05 7.42 14.98
N GLY A 68 3.66 6.70 14.03
CA GLY A 68 3.53 5.27 13.91
C GLY A 68 2.84 4.83 12.64
N HIS A 69 1.91 5.64 12.13
CA HIS A 69 1.12 5.26 10.96
C HIS A 69 2.02 4.87 9.77
N GLY A 70 3.00 5.71 9.45
CA GLY A 70 3.87 5.42 8.32
C GLY A 70 4.70 4.16 8.53
N THR A 71 5.17 3.96 9.75
CA THR A 71 5.93 2.76 10.08
C THR A 71 5.06 1.51 9.92
N HIS A 72 3.79 1.60 10.31
CA HIS A 72 2.89 0.46 10.17
C HIS A 72 2.67 0.13 8.69
N CYS A 73 2.41 1.15 7.88
CA CYS A 73 2.19 0.93 6.46
C CYS A 73 3.44 0.35 5.81
N ALA A 74 4.61 0.92 6.12
CA ALA A 74 5.85 0.39 5.59
C ALA A 74 6.07 -1.07 5.99
N GLY A 75 5.67 -1.42 7.21
CA GLY A 75 5.81 -2.79 7.65
C GLY A 75 4.96 -3.75 6.84
N THR A 76 3.76 -3.32 6.45
CA THR A 76 2.91 -4.18 5.63
C THR A 76 3.47 -4.31 4.22
N VAL A 77 4.11 -3.26 3.69
CA VAL A 77 4.77 -3.39 2.40
C VAL A 77 5.90 -4.41 2.48
N GLY A 78 6.79 -4.26 3.45
CA GLY A 78 8.10 -4.87 3.33
C GLY A 78 8.84 -5.28 4.60
N SER A 79 8.20 -5.32 5.77
CA SER A 79 8.91 -5.85 6.93
C SER A 79 9.07 -7.36 6.80
N ARG A 80 10.08 -7.90 7.51
CA ARG A 80 10.38 -9.32 7.40
C ARG A 80 9.20 -10.19 7.83
N THR A 81 8.55 -9.84 8.94
CA THR A 81 7.46 -10.67 9.45
C THR A 81 6.10 -10.24 8.94
N TYR A 82 5.87 -8.94 8.82
CA TYR A 82 4.54 -8.42 8.55
C TYR A 82 4.35 -7.97 7.12
N GLY A 83 5.37 -8.13 6.27
CA GLY A 83 5.35 -7.55 4.94
C GLY A 83 5.07 -8.51 3.82
N VAL A 84 4.47 -7.96 2.76
CA VAL A 84 4.18 -8.70 1.53
C VAL A 84 5.47 -8.99 0.76
N ALA A 85 6.31 -7.97 0.59
CA ALA A 85 7.51 -8.03 -0.25
C ALA A 85 8.72 -7.91 0.67
N LYS A 86 9.16 -9.05 1.19
CA LYS A 86 10.08 -9.08 2.33
C LYS A 86 11.50 -8.70 1.98
N LYS A 87 11.82 -8.49 0.70
CA LYS A 87 13.16 -8.12 0.28
C LYS A 87 13.17 -6.81 -0.52
N THR A 88 12.07 -6.08 -0.55
CA THR A 88 12.06 -4.80 -1.25
C THR A 88 12.85 -3.75 -0.48
N GLN A 89 13.24 -2.69 -1.18
CA GLN A 89 13.82 -1.51 -0.55
C GLN A 89 12.72 -0.51 -0.27
N LEU A 90 12.69 0.02 0.94
CA LEU A 90 11.64 0.95 1.37
C LEU A 90 12.23 2.34 1.51
N PHE A 91 11.54 3.34 0.96
CA PHE A 91 11.97 4.73 1.05
C PHE A 91 10.86 5.55 1.69
N GLY A 92 11.19 6.27 2.74
CA GLY A 92 10.21 7.06 3.46
C GLY A 92 10.23 8.52 3.02
N VAL A 93 9.04 9.05 2.78
CA VAL A 93 8.84 10.46 2.44
C VAL A 93 7.82 10.99 3.43
N LYS A 94 8.26 11.87 4.34
CA LYS A 94 7.39 12.34 5.42
C LYS A 94 6.65 13.60 4.97
N VAL A 95 5.41 13.41 4.47
CA VAL A 95 4.53 14.52 4.11
C VAL A 95 3.51 14.80 5.19
N LEU A 96 3.36 13.92 6.17
CA LEU A 96 2.41 14.10 7.26
C LEU A 96 3.20 14.33 8.55
N ASP A 97 2.71 15.26 9.36
CA ASP A 97 3.34 15.54 10.65
C ASP A 97 3.04 14.41 11.64
N ASP A 98 3.53 14.59 12.87
CA ASP A 98 3.38 13.54 13.87
C ASP A 98 1.96 13.41 14.40
N ASN A 99 1.06 14.33 14.07
CA ASN A 99 -0.35 14.15 14.32
C ASN A 99 -1.07 13.50 13.15
N GLY A 100 -0.36 13.14 12.09
CA GLY A 100 -0.98 12.52 10.94
C GLY A 100 -1.57 13.48 9.94
N SER A 101 -1.28 14.77 10.07
CA SER A 101 -1.89 15.80 9.24
C SER A 101 -0.86 16.36 8.26
N GLY A 102 -1.36 16.84 7.13
CA GLY A 102 -0.48 17.50 6.18
C GLY A 102 -1.26 18.33 5.19
N GLN A 103 -0.70 19.46 4.79
CA GLN A 103 -1.33 20.29 3.78
C GLN A 103 -1.23 19.63 2.42
N TYR A 104 -2.25 19.88 1.59
CA TYR A 104 -2.22 19.33 0.24
C TYR A 104 -0.99 19.78 -0.54
N SER A 105 -0.51 21.00 -0.32
CA SER A 105 0.68 21.45 -1.04
C SER A 105 1.89 20.59 -0.69
N THR A 106 2.01 20.19 0.57
CA THR A 106 3.10 19.32 0.98
C THR A 106 2.96 17.93 0.38
N ILE A 107 1.75 17.41 0.37
CA ILE A 107 1.51 16.08 -0.19
C ILE A 107 1.84 16.06 -1.66
N ILE A 108 1.43 17.11 -2.39
CA ILE A 108 1.77 17.23 -3.82
C ILE A 108 3.27 17.27 -4.01
N ALA A 109 3.96 18.07 -3.20
CA ALA A 109 5.42 18.15 -3.32
C ALA A 109 6.05 16.78 -3.09
N GLY A 110 5.54 16.01 -2.12
CA GLY A 110 6.10 14.69 -1.88
C GLY A 110 5.90 13.74 -3.04
N MET A 111 4.77 13.83 -3.72
CA MET A 111 4.53 13.00 -4.91
C MET A 111 5.47 13.38 -6.04
N ASP A 112 5.63 14.67 -6.29
CA ASP A 112 6.58 15.09 -7.32
C ASP A 112 8.01 14.72 -6.94
N PHE A 113 8.32 14.76 -5.66
CA PHE A 113 9.62 14.31 -5.19
C PHE A 113 9.88 12.87 -5.61
N VAL A 114 8.92 11.97 -5.38
CA VAL A 114 9.14 10.56 -5.70
C VAL A 114 9.35 10.38 -7.20
N ALA A 115 8.56 11.10 -8.02
CA ALA A 115 8.69 10.99 -9.46
C ALA A 115 10.11 11.30 -9.92
N SER A 116 10.79 12.23 -9.27
CA SER A 116 12.16 12.55 -9.60
C SER A 116 13.15 11.66 -8.85
N ASP A 117 12.95 11.47 -7.55
CA ASP A 117 13.92 10.79 -6.72
C ASP A 117 14.15 9.35 -7.13
N LYS A 118 13.17 8.71 -7.78
CA LYS A 118 13.42 7.34 -8.21
C LYS A 118 14.61 7.25 -9.16
N ASN A 119 14.94 8.34 -9.85
CA ASN A 119 16.13 8.37 -10.71
C ASN A 119 17.43 8.42 -9.93
N ASN A 120 17.38 8.62 -8.62
CA ASN A 120 18.52 8.58 -7.74
C ASN A 120 18.66 7.25 -7.01
N ARG A 121 17.77 6.29 -7.30
CA ARG A 121 17.73 5.03 -6.56
C ARG A 121 17.82 3.87 -7.53
N ASN A 122 18.35 2.77 -7.03
CA ASN A 122 18.53 1.58 -7.83
C ASN A 122 17.35 0.64 -7.63
N CYS A 123 16.49 0.59 -8.64
CA CYS A 123 15.22 -0.15 -8.56
C CYS A 123 15.01 -0.87 -9.88
N PRO A 124 15.91 -1.79 -10.24
CA PRO A 124 15.84 -2.39 -11.58
C PRO A 124 14.55 -3.12 -11.86
N LYS A 125 13.88 -3.66 -10.84
CA LYS A 125 12.63 -4.37 -11.06
C LYS A 125 11.42 -3.45 -11.06
N GLY A 126 11.56 -2.20 -10.64
CA GLY A 126 10.47 -1.24 -10.73
C GLY A 126 10.21 -0.54 -9.41
N VAL A 127 9.36 0.48 -9.50
CA VAL A 127 9.12 1.43 -8.42
C VAL A 127 7.63 1.50 -8.14
N VAL A 128 7.30 1.52 -6.86
CA VAL A 128 5.92 1.61 -6.37
C VAL A 128 5.87 2.74 -5.36
N ALA A 129 4.70 3.38 -5.23
CA ALA A 129 4.46 4.36 -4.19
C ALA A 129 3.17 4.02 -3.50
N SER A 130 3.19 4.04 -2.18
CA SER A 130 2.04 3.71 -1.34
C SER A 130 1.59 4.97 -0.61
N LEU A 131 0.34 5.38 -0.85
CA LEU A 131 -0.22 6.63 -0.34
C LEU A 131 -1.44 6.33 0.53
N SER A 132 -1.19 6.12 1.82
CA SER A 132 -2.24 5.86 2.80
C SER A 132 -2.67 7.18 3.44
N LEU A 133 -3.27 8.03 2.61
CA LEU A 133 -3.63 9.37 3.03
C LEU A 133 -4.68 9.90 2.07
N GLY A 134 -5.29 11.01 2.43
CA GLY A 134 -6.17 11.71 1.52
C GLY A 134 -7.09 12.66 2.27
N GLY A 135 -7.89 13.37 1.49
CA GLY A 135 -8.90 14.26 2.02
C GLY A 135 -9.95 14.48 0.95
N GLY A 136 -10.61 15.63 1.01
CA GLY A 136 -11.65 15.93 0.04
C GLY A 136 -11.10 16.12 -1.36
N TYR A 137 -12.00 16.10 -2.33
CA TYR A 137 -11.60 16.19 -3.73
C TYR A 137 -10.74 17.42 -4.00
N SER A 138 -9.64 17.20 -4.72
CA SER A 138 -8.79 18.29 -5.19
C SER A 138 -8.23 17.89 -6.55
N SER A 139 -8.49 18.71 -7.56
CA SER A 139 -7.94 18.38 -8.87
C SER A 139 -6.42 18.45 -8.87
N SER A 140 -5.84 19.35 -8.07
CA SER A 140 -4.39 19.45 -7.99
C SER A 140 -3.76 18.21 -7.37
N VAL A 141 -4.37 17.67 -6.32
CA VAL A 141 -3.88 16.44 -5.71
C VAL A 141 -4.00 15.29 -6.68
N ASN A 142 -5.15 15.18 -7.37
CA ASN A 142 -5.31 14.10 -8.35
C ASN A 142 -4.29 14.22 -9.46
N SER A 143 -4.05 15.45 -9.94
CA SER A 143 -3.07 15.65 -11.01
C SER A 143 -1.68 15.21 -10.56
N ALA A 144 -1.31 15.51 -9.32
CA ALA A 144 -0.01 15.09 -8.83
C ALA A 144 0.10 13.57 -8.79
N ALA A 145 -0.97 12.89 -8.37
CA ALA A 145 -0.93 11.43 -8.36
C ALA A 145 -0.84 10.87 -9.77
N ALA A 146 -1.55 11.50 -10.71
CA ALA A 146 -1.47 11.10 -12.11
C ALA A 146 -0.08 11.31 -12.68
N ARG A 147 0.57 12.41 -12.32
CA ARG A 147 1.94 12.64 -12.77
C ARG A 147 2.87 11.56 -12.23
N LEU A 148 2.74 11.24 -10.94
CA LEU A 148 3.61 10.23 -10.35
C LEU A 148 3.45 8.90 -11.07
N GLN A 149 2.21 8.49 -11.33
CA GLN A 149 1.96 7.26 -12.07
C GLN A 149 2.57 7.32 -13.47
N SER A 150 2.33 8.44 -14.17
CA SER A 150 2.81 8.58 -15.55
C SER A 150 4.33 8.51 -15.62
N SER A 151 5.02 8.94 -14.56
CA SER A 151 6.49 8.91 -14.54
C SER A 151 7.05 7.49 -14.48
N GLY A 152 6.21 6.48 -14.27
CA GLY A 152 6.67 5.10 -14.22
C GLY A 152 6.72 4.53 -12.81
N VAL A 153 5.76 4.93 -11.97
CA VAL A 153 5.65 4.46 -10.60
C VAL A 153 4.26 3.87 -10.43
N MET A 154 4.18 2.66 -9.89
CA MET A 154 2.89 2.09 -9.55
C MET A 154 2.34 2.80 -8.33
N VAL A 155 1.30 3.61 -8.49
CA VAL A 155 0.76 4.40 -7.38
C VAL A 155 -0.46 3.68 -6.81
N ALA A 156 -0.38 3.29 -5.53
CA ALA A 156 -1.49 2.69 -4.81
C ALA A 156 -1.97 3.71 -3.77
N VAL A 157 -3.27 4.00 -3.75
CA VAL A 157 -3.82 5.00 -2.86
C VAL A 157 -5.00 4.43 -2.08
N ALA A 158 -5.16 4.90 -0.84
CA ALA A 158 -6.27 4.48 0.01
C ALA A 158 -7.58 5.08 -0.48
N ALA A 159 -8.65 4.27 -0.47
CA ALA A 159 -9.95 4.77 -0.90
C ALA A 159 -10.54 5.77 0.09
N GLY A 160 -10.19 5.69 1.35
CA GLY A 160 -10.75 6.50 2.40
C GLY A 160 -11.70 5.70 3.29
N ASN A 161 -12.02 6.29 4.45
CA ASN A 161 -12.61 5.58 5.58
C ASN A 161 -13.95 6.14 6.03
N ASN A 162 -14.76 6.64 5.10
CA ASN A 162 -16.01 7.31 5.46
C ASN A 162 -17.24 6.51 5.06
N ASN A 163 -17.08 5.26 4.65
CA ASN A 163 -18.19 4.45 4.15
C ASN A 163 -18.98 5.25 3.11
N ALA A 164 -18.26 5.85 2.16
CA ALA A 164 -18.84 6.76 1.18
C ALA A 164 -18.22 6.50 -0.18
N ASP A 165 -18.77 7.13 -1.22
CA ASP A 165 -18.19 7.04 -2.55
C ASP A 165 -16.85 7.76 -2.61
N ALA A 166 -15.81 7.02 -3.01
CA ALA A 166 -14.46 7.56 -3.10
C ALA A 166 -14.29 8.61 -4.20
N ARG A 167 -15.29 8.80 -5.06
CA ARG A 167 -15.19 9.84 -6.09
C ARG A 167 -15.03 11.22 -5.47
N ASN A 168 -15.37 11.39 -4.19
CA ASN A 168 -15.32 12.68 -3.53
C ASN A 168 -14.09 12.87 -2.65
N TYR A 169 -13.07 12.03 -2.85
CA TYR A 169 -11.85 12.09 -2.06
C TYR A 169 -10.64 12.04 -2.98
N SER A 170 -9.54 12.61 -2.53
CA SER A 170 -8.32 12.66 -3.32
C SER A 170 -7.14 12.23 -2.45
N PRO A 171 -6.17 11.51 -3.02
CA PRO A 171 -6.08 11.12 -4.43
C PRO A 171 -6.92 9.90 -4.84
N ALA A 172 -7.76 9.40 -3.94
CA ALA A 172 -8.59 8.22 -4.22
C ALA A 172 -9.31 8.32 -5.56
N SER A 173 -9.81 9.51 -5.90
CA SER A 173 -10.65 9.65 -7.08
C SER A 173 -9.89 9.81 -8.39
N GLU A 174 -8.56 9.83 -8.37
CA GLU A 174 -7.81 9.95 -9.61
C GLU A 174 -7.89 8.64 -10.38
N PRO A 175 -8.45 8.63 -11.59
CA PRO A 175 -8.68 7.33 -12.26
C PRO A 175 -7.41 6.58 -12.62
N SER A 176 -6.30 7.25 -12.89
CA SER A 176 -5.13 6.56 -13.42
C SER A 176 -4.29 5.87 -12.35
N VAL A 177 -4.57 6.07 -11.06
CA VAL A 177 -3.82 5.35 -10.03
C VAL A 177 -4.64 4.14 -9.56
N CYS A 178 -4.12 3.40 -8.60
CA CYS A 178 -4.77 2.18 -8.12
C CYS A 178 -5.41 2.47 -6.79
N THR A 179 -6.74 2.55 -6.77
CA THR A 179 -7.49 2.95 -5.58
C THR A 179 -7.94 1.71 -4.82
N VAL A 180 -7.60 1.64 -3.53
CA VAL A 180 -7.67 0.41 -2.75
C VAL A 180 -8.70 0.54 -1.62
N GLY A 181 -9.72 -0.33 -1.64
CA GLY A 181 -10.64 -0.47 -0.52
C GLY A 181 -10.18 -1.52 0.47
N ALA A 182 -10.88 -1.61 1.60
CA ALA A 182 -10.50 -2.51 2.69
C ALA A 182 -11.52 -3.61 2.91
N SER A 183 -11.01 -4.82 3.23
CA SER A 183 -11.81 -5.96 3.64
C SER A 183 -11.36 -6.50 4.99
N ASP A 184 -12.19 -7.35 5.58
CA ASP A 184 -11.90 -8.00 6.85
C ASP A 184 -11.63 -9.49 6.66
N ARG A 185 -11.32 -10.16 7.77
CA ARG A 185 -10.85 -11.54 7.69
C ARG A 185 -11.94 -12.53 7.30
N TYR A 186 -13.20 -12.11 7.34
CA TYR A 186 -14.33 -12.92 6.89
C TYR A 186 -14.79 -12.53 5.49
N ASP A 187 -13.96 -11.81 4.74
CA ASP A 187 -14.26 -11.43 3.37
C ASP A 187 -15.47 -10.51 3.27
N ARG A 188 -15.65 -9.66 4.27
CA ARG A 188 -16.63 -8.60 4.20
C ARG A 188 -15.91 -7.29 3.89
N ARG A 189 -16.54 -6.42 3.12
CA ARG A 189 -16.04 -5.06 3.04
C ARG A 189 -15.94 -4.48 4.45
N SER A 190 -14.80 -3.88 4.76
CA SER A 190 -14.65 -3.25 6.07
C SER A 190 -15.72 -2.18 6.26
N SER A 191 -16.22 -2.07 7.49
CA SER A 191 -17.36 -1.21 7.77
C SER A 191 -17.14 0.24 7.33
N PHE A 192 -15.91 0.72 7.46
CA PHE A 192 -15.55 2.10 7.15
C PHE A 192 -15.11 2.30 5.71
N SER A 193 -14.90 1.24 4.93
CA SER A 193 -14.25 1.40 3.64
C SER A 193 -15.10 2.21 2.69
N ASN A 194 -14.49 3.20 2.05
CA ASN A 194 -15.15 3.83 0.91
C ASN A 194 -15.30 2.81 -0.22
N TYR A 195 -16.14 3.18 -1.19
CA TYR A 195 -16.50 2.29 -2.30
C TYR A 195 -16.71 3.15 -3.54
N GLY A 196 -17.21 2.55 -4.59
CA GLY A 196 -17.57 3.27 -5.80
C GLY A 196 -16.85 2.74 -7.03
N SER A 197 -17.28 3.25 -8.18
CA SER A 197 -16.72 2.81 -9.44
C SER A 197 -15.23 3.13 -9.58
N VAL A 198 -14.72 4.11 -8.82
CA VAL A 198 -13.30 4.44 -8.92
C VAL A 198 -12.40 3.40 -8.24
N LEU A 199 -12.92 2.57 -7.35
CA LEU A 199 -12.08 1.56 -6.72
C LEU A 199 -11.59 0.57 -7.76
N ASP A 200 -10.34 0.18 -7.63
CA ASP A 200 -9.74 -0.83 -8.49
C ASP A 200 -9.67 -2.20 -7.85
N ILE A 201 -9.58 -2.27 -6.51
CA ILE A 201 -9.19 -3.50 -5.84
C ILE A 201 -9.47 -3.33 -4.36
N PHE A 202 -9.66 -4.44 -3.66
CA PHE A 202 -9.70 -4.49 -2.22
C PHE A 202 -8.48 -5.23 -1.69
N GLY A 203 -8.03 -4.82 -0.51
CA GLY A 203 -7.03 -5.55 0.23
C GLY A 203 -7.39 -5.62 1.71
N PRO A 204 -6.71 -6.50 2.45
CA PRO A 204 -6.97 -6.61 3.89
C PRO A 204 -6.77 -5.29 4.62
N GLY A 205 -7.78 -4.86 5.37
CA GLY A 205 -7.70 -3.58 6.06
C GLY A 205 -8.22 -3.53 7.47
N THR A 206 -8.88 -4.58 7.96
CA THR A 206 -9.40 -4.60 9.32
C THR A 206 -8.50 -5.49 10.17
N ASP A 207 -8.01 -4.93 11.28
CA ASP A 207 -7.21 -5.67 12.26
C ASP A 207 -5.91 -6.22 11.65
N ILE A 208 -5.07 -5.30 11.20
CA ILE A 208 -3.84 -5.61 10.48
C ILE A 208 -2.65 -5.39 11.41
N LEU A 209 -1.95 -6.47 11.72
CA LEU A 209 -0.77 -6.42 12.56
C LEU A 209 0.45 -6.01 11.74
N SER A 210 1.21 -5.04 12.23
CA SER A 210 2.41 -4.58 11.57
C SER A 210 3.32 -3.87 12.57
N THR A 211 4.42 -3.35 12.06
CA THR A 211 5.40 -2.62 12.85
C THR A 211 4.83 -1.31 13.37
N TRP A 212 5.40 -0.85 14.48
CA TRP A 212 5.08 0.45 15.06
C TRP A 212 6.35 1.06 15.61
N ILE A 213 6.27 2.35 15.96
CA ILE A 213 7.45 3.04 16.47
C ILE A 213 7.83 2.52 17.85
N GLY A 214 9.07 2.82 18.25
CA GLY A 214 9.62 2.22 19.45
C GLY A 214 9.97 0.76 19.30
N GLY A 215 10.21 0.29 18.09
CA GLY A 215 10.54 -1.10 17.88
C GLY A 215 9.44 -2.07 18.24
N SER A 216 8.18 -1.65 18.11
CA SER A 216 7.04 -2.43 18.59
C SER A 216 6.19 -2.90 17.42
N THR A 217 5.02 -3.45 17.75
CA THR A 217 4.05 -3.88 16.75
C THR A 217 2.66 -3.65 17.29
N ARG A 218 1.70 -3.46 16.39
CA ARG A 218 0.30 -3.38 16.82
C ARG A 218 -0.62 -3.62 15.64
N SER A 219 -1.87 -3.89 15.96
CA SER A 219 -2.91 -4.12 14.97
C SER A 219 -3.81 -2.90 14.91
N ILE A 220 -3.96 -2.33 13.71
CA ILE A 220 -4.88 -1.22 13.48
C ILE A 220 -5.64 -1.48 12.18
N SER A 221 -6.63 -0.63 11.91
CA SER A 221 -7.55 -0.82 10.79
C SER A 221 -7.68 0.45 9.96
N GLY A 222 -7.91 0.27 8.66
CA GLY A 222 -8.16 1.38 7.76
C GLY A 222 -7.87 0.99 6.33
N THR A 223 -8.37 1.81 5.40
CA THR A 223 -7.90 1.67 4.03
C THR A 223 -6.42 1.98 3.92
N SER A 224 -5.87 2.69 4.90
CA SER A 224 -4.42 2.87 5.00
C SER A 224 -3.67 1.57 5.11
N MET A 225 -4.30 0.54 5.69
CA MET A 225 -3.66 -0.75 5.89
C MET A 225 -3.82 -1.66 4.67
N ALA A 226 -4.92 -1.46 3.93
CA ALA A 226 -5.16 -2.24 2.71
C ALA A 226 -4.21 -1.80 1.60
N THR A 227 -3.98 -0.50 1.50
CA THR A 227 -3.14 0.06 0.44
C THR A 227 -1.75 -0.54 0.39
N PRO A 228 -1.00 -0.65 1.49
CA PRO A 228 0.34 -1.26 1.42
C PRO A 228 0.34 -2.74 1.08
N HIS A 229 -0.76 -3.46 1.34
CA HIS A 229 -0.82 -4.84 0.84
C HIS A 229 -0.74 -4.83 -0.67
N VAL A 230 -1.47 -3.92 -1.32
CA VAL A 230 -1.47 -3.82 -2.77
C VAL A 230 -0.14 -3.30 -3.28
N ALA A 231 0.43 -2.30 -2.61
CA ALA A 231 1.73 -1.78 -3.02
C ALA A 231 2.81 -2.86 -2.93
N GLY A 232 2.83 -3.60 -1.82
CA GLY A 232 3.80 -4.68 -1.69
C GLY A 232 3.57 -5.79 -2.70
N LEU A 233 2.29 -6.09 -2.98
CA LEU A 233 1.98 -7.08 -4.01
C LEU A 233 2.51 -6.64 -5.37
N ALA A 234 2.33 -5.37 -5.72
CA ALA A 234 2.85 -4.88 -6.99
C ALA A 234 4.36 -5.03 -7.07
N ALA A 235 5.07 -4.67 -6.00
CA ALA A 235 6.53 -4.81 -5.99
C ALA A 235 6.94 -6.26 -6.18
N TYR A 236 6.26 -7.16 -5.48
CA TYR A 236 6.51 -8.60 -5.60
C TYR A 236 6.30 -9.09 -7.03
N LEU A 237 5.20 -8.67 -7.66
CA LEU A 237 4.90 -9.12 -9.02
C LEU A 237 5.85 -8.50 -10.04
N MET A 238 6.28 -7.26 -9.81
CA MET A 238 7.24 -6.63 -10.70
C MET A 238 8.59 -7.34 -10.63
N THR A 239 9.04 -7.73 -9.43
CA THR A 239 10.27 -8.49 -9.32
C THR A 239 10.18 -9.81 -10.07
N LEU A 240 9.02 -10.46 -10.04
CA LEU A 240 8.83 -11.69 -10.80
C LEU A 240 8.75 -11.46 -12.30
N GLY A 241 8.69 -10.22 -12.77
CA GLY A 241 8.58 -9.95 -14.19
C GLY A 241 7.18 -10.10 -14.76
N LYS A 242 6.17 -10.25 -13.91
CA LYS A 242 4.82 -10.50 -14.40
C LYS A 242 4.11 -9.23 -14.87
N THR A 243 4.58 -8.08 -14.45
CA THR A 243 3.90 -6.83 -14.77
C THR A 243 4.89 -5.68 -14.60
N THR A 244 4.44 -4.47 -14.89
CA THR A 244 5.24 -3.27 -14.84
C THR A 244 4.49 -2.22 -14.03
N ALA A 245 5.16 -1.09 -13.74
CA ALA A 245 4.51 -0.04 -12.95
C ALA A 245 3.26 0.48 -13.65
N ALA A 246 3.30 0.59 -14.97
CA ALA A 246 2.17 1.12 -15.72
C ALA A 246 1.00 0.16 -15.79
N SER A 247 1.25 -1.14 -15.65
CA SER A 247 0.23 -2.14 -15.86
C SER A 247 -0.15 -2.91 -14.62
N ALA A 248 0.51 -2.67 -13.48
CA ALA A 248 0.37 -3.54 -12.32
C ALA A 248 -1.04 -3.49 -11.72
N CYS A 249 -1.67 -2.31 -11.69
CA CYS A 249 -3.01 -2.24 -11.14
C CYS A 249 -3.99 -3.10 -11.94
N ARG A 250 -3.94 -2.97 -13.27
CA ARG A 250 -4.78 -3.82 -14.12
C ARG A 250 -4.44 -5.29 -13.94
N TYR A 251 -3.15 -5.61 -13.81
CA TYR A 251 -2.77 -7.01 -13.64
C TYR A 251 -3.33 -7.57 -12.33
N ILE A 252 -3.22 -6.79 -11.24
CA ILE A 252 -3.74 -7.22 -9.96
C ILE A 252 -5.26 -7.41 -10.04
N ALA A 253 -5.96 -6.49 -10.71
CA ALA A 253 -7.40 -6.67 -10.90
C ALA A 253 -7.71 -7.90 -11.74
N ASP A 254 -6.93 -8.13 -12.81
CA ASP A 254 -7.13 -9.28 -13.69
C ASP A 254 -6.98 -10.59 -12.93
N THR A 255 -6.04 -10.65 -12.00
CA THR A 255 -5.69 -11.89 -11.32
C THR A 255 -6.30 -12.00 -9.93
N ALA A 256 -7.15 -11.05 -9.54
CA ALA A 256 -7.72 -11.03 -8.21
C ALA A 256 -8.69 -12.19 -7.99
N ASN A 257 -8.98 -12.46 -6.72
CA ASN A 257 -10.12 -13.29 -6.39
C ASN A 257 -11.38 -12.48 -6.62
N LYS A 258 -12.34 -13.04 -7.37
CA LYS A 258 -13.49 -12.30 -7.87
C LYS A 258 -14.77 -12.83 -7.24
N GLY A 259 -15.62 -11.90 -6.78
CA GLY A 259 -16.93 -12.26 -6.27
C GLY A 259 -16.94 -12.86 -4.89
N ASP A 260 -15.85 -12.73 -4.14
CA ASP A 260 -15.74 -13.39 -2.85
C ASP A 260 -16.09 -12.48 -1.67
N LEU A 261 -16.20 -11.17 -1.88
CA LEU A 261 -16.48 -10.24 -0.79
C LEU A 261 -17.97 -10.00 -0.65
N SER A 262 -18.41 -9.76 0.58
CA SER A 262 -19.78 -9.39 0.86
C SER A 262 -19.88 -7.90 1.20
N ASN A 263 -21.09 -7.38 1.09
CA ASN A 263 -21.41 -5.97 1.28
C ASN A 263 -20.64 -5.05 0.35
N ILE A 264 -20.48 -5.48 -0.90
CA ILE A 264 -19.93 -4.64 -1.96
C ILE A 264 -21.09 -3.93 -2.62
N PRO A 265 -21.16 -2.59 -2.57
CA PRO A 265 -22.29 -1.90 -3.18
C PRO A 265 -22.33 -2.17 -4.68
N PHE A 266 -23.54 -2.19 -5.22
CA PHE A 266 -23.72 -2.35 -6.66
C PHE A 266 -22.92 -1.27 -7.39
N GLY A 267 -22.12 -1.70 -8.35
CA GLY A 267 -21.28 -0.78 -9.10
C GLY A 267 -19.83 -0.69 -8.64
N THR A 268 -19.50 -1.31 -7.51
CA THR A 268 -18.13 -1.38 -7.03
C THR A 268 -17.57 -2.76 -7.37
N VAL A 269 -16.30 -2.80 -7.77
CA VAL A 269 -15.67 -4.08 -8.09
C VAL A 269 -15.68 -5.01 -6.89
N ASN A 270 -15.87 -6.30 -7.16
CA ASN A 270 -15.76 -7.34 -6.13
C ASN A 270 -14.49 -8.11 -6.43
N LEU A 271 -13.34 -7.50 -6.10
CA LEU A 271 -12.03 -8.03 -6.45
C LEU A 271 -11.13 -7.89 -5.24
N LEU A 272 -10.46 -8.97 -4.87
CA LEU A 272 -9.60 -9.01 -3.69
C LEU A 272 -8.20 -9.42 -4.15
N ALA A 273 -7.21 -8.62 -3.79
CA ALA A 273 -5.84 -8.83 -4.24
C ALA A 273 -5.35 -10.23 -3.92
N TYR A 274 -4.67 -10.86 -4.89
CA TYR A 274 -4.26 -12.25 -4.79
C TYR A 274 -2.97 -12.45 -5.59
N ASN A 275 -1.98 -13.12 -5.00
CA ASN A 275 -0.69 -13.25 -5.65
C ASN A 275 -0.57 -14.44 -6.61
N ASN A 276 -1.57 -15.30 -6.67
CA ASN A 276 -1.58 -16.45 -7.59
C ASN A 276 -0.35 -17.33 -7.45
N TYR A 277 0.23 -17.40 -6.27
CA TYR A 277 1.45 -18.19 -6.09
C TYR A 277 1.11 -19.66 -5.92
N GLN A 278 1.83 -20.48 -6.66
CA GLN A 278 1.73 -21.93 -6.62
C GLN A 278 3.13 -22.49 -6.36
N ALA A 279 3.29 -23.18 -5.23
CA ALA A 279 4.58 -23.79 -4.91
C ALA A 279 4.96 -24.86 -5.93
S SO4 B . -3.95 -11.96 12.76
O1 SO4 B . -4.81 -11.01 13.47
O2 SO4 B . -4.79 -12.95 12.07
O3 SO4 B . -3.15 -11.25 11.80
O4 SO4 B . -3.08 -12.64 13.71
C4 483 C . -5.15 9.24 7.60
C5 483 C . -5.43 8.09 8.58
C6 483 C . -4.60 8.36 9.83
N1 483 C . -8.57 9.72 3.59
C7 483 C . -6.83 8.96 5.43
C8 483 C . -8.10 9.70 4.98
N2 483 C . -9.69 10.40 1.84
C9 483 C . -8.27 8.92 2.58
C10 483 C . -8.98 9.36 1.49
C11 483 C . -9.45 10.64 3.14
O 483 C . -6.37 8.05 4.84
N 483 C . -6.29 9.51 6.69
C3 483 C . -3.72 9.12 7.05
C2 483 C . -2.81 9.47 8.24
C1 483 C . -3.11 8.65 9.53
C 483 C . -2.41 9.24 10.77
C4 483 D . -12.03 -18.41 9.27
C5 483 D . -12.25 -16.89 9.47
C6 483 D . -11.32 -16.25 10.51
N1 483 D . -16.22 -19.19 6.91
C7 483 D . -13.84 -18.52 7.34
C8 483 D . -14.82 -19.44 6.61
N2 483 D . -18.28 -19.52 7.53
C9 483 D . -16.87 -18.06 6.76
C10 483 D . -18.16 -18.27 7.15
C11 483 D . -17.08 -20.10 7.38
O 483 D . -13.73 -17.39 6.98
N 483 D . -13.06 -19.07 8.44
C3 483 D . -11.84 -19.18 10.58
C2 483 D . -10.77 -18.54 11.46
C1 483 D . -11.18 -17.10 11.78
C 483 D . -10.13 -16.47 12.71
#